data_5I8O
#
_entry.id   5I8O
#
_cell.length_a   63.447
_cell.length_b   63.587
_cell.length_c   108.771
_cell.angle_alpha   90.000
_cell.angle_beta   90.000
_cell.angle_gamma   90.000
#
_symmetry.space_group_name_H-M   'P 21 21 21'
#
loop_
_entity.id
_entity.type
_entity.pdbx_description
1 polymer 'HMM5 antibody heavy chain'
2 polymer 'HMM5 antibody light chain'
3 branched 'alpha-L-fucopyranose-(1-3)-methyl 2-acetamido-2-deoxy-alpha-D-glucopyranoside'
4 water water
#
loop_
_entity_poly.entity_id
_entity_poly.type
_entity_poly.pdbx_seq_one_letter_code
_entity_poly.pdbx_strand_id
1 'polypeptide(L)'
;QSLEESGGRLVTPGTPLTLTCTVSGFSLSTYNIHWVRQAPGKGLEWIGVIDTGGGTYFASWAKGRFAISKTSSTTVDLKM
TSLTAADTATYFCAKGFDYSASTNLWGPGTLVTISSASTKGPSVFPLAPSSKSTSGGTAALGCLVKDYFPEPVTVSWNSG
ALTSGVHTFPAVLQSSGLYSLSSVVTVPSSSLGTQTYICNVNHKPSNTKVDRRVEPKSC
;
H
2 'polypeptide(L)'
;ELDMTQTPSSVSAPVGGSVTINCQSSQSVYGNNYLAWYQQKAGQPPKLLIYRASTLASGAPSRFKGSGSGTQFTLTISDL
ESDDAATYYCLGYYNGVINVFGGGTNVEIKRTVGAPSVFIFPPSDEQLKSGTASVVCLLNNFYPREAKVQWKVDNALQSG
NSQESVTEQDSKDSTYSLSSTLTLSKADYEKHKVYACEVTHQGLSSPVTKSFNRGEC
;
L
#
# COMPACT_ATOMS: atom_id res chain seq x y z
N GLN A 1 11.82 -14.95 16.06
CA GLN A 1 11.81 -15.72 14.82
C GLN A 1 11.26 -14.85 13.71
N SER A 2 12.01 -14.71 12.63
CA SER A 2 11.64 -13.79 11.57
C SER A 2 12.33 -14.11 10.23
N LEU A 3 11.84 -13.48 9.18
CA LEU A 3 12.46 -13.58 7.87
C LEU A 3 12.62 -12.18 7.33
N GLU A 4 13.60 -11.98 6.46
CA GLU A 4 13.72 -10.69 5.80
C GLU A 4 14.29 -10.89 4.41
N GLU A 5 13.60 -10.34 3.40
CA GLU A 5 14.07 -10.43 2.03
C GLU A 5 14.99 -9.26 1.72
N SER A 6 15.92 -9.48 0.80
CA SER A 6 16.80 -8.42 0.32
C SER A 6 17.14 -8.69 -1.15
N GLY A 7 17.66 -7.68 -1.85
CA GLY A 7 18.11 -7.87 -3.21
C GLY A 7 17.15 -7.34 -4.27
N GLY A 8 15.94 -6.98 -3.84
CA GLY A 8 14.99 -6.35 -4.72
C GLY A 8 15.52 -5.01 -5.17
N ARG A 9 15.61 -4.81 -6.48
CA ARG A 9 16.17 -3.60 -7.06
C ARG A 9 15.73 -3.46 -8.52
N LEU A 10 16.09 -2.34 -9.12
CA LEU A 10 15.82 -2.06 -10.53
C LEU A 10 16.86 -2.68 -11.47
N VAL A 11 16.43 -3.54 -12.39
CA VAL A 11 17.33 -4.05 -13.42
C VAL A 11 16.63 -3.96 -14.78
N THR A 12 17.40 -3.97 -15.86
CA THR A 12 16.83 -3.97 -17.19
C THR A 12 16.29 -5.37 -17.52
N PRO A 13 15.30 -5.47 -18.43
CA PRO A 13 14.78 -6.79 -18.80
C PRO A 13 15.91 -7.71 -19.27
N GLY A 14 15.82 -8.99 -18.95
CA GLY A 14 16.83 -9.95 -19.34
C GLY A 14 18.05 -10.01 -18.42
N THR A 15 18.13 -9.06 -17.48
CA THR A 15 19.21 -9.09 -16.48
C THR A 15 18.89 -10.11 -15.39
N PRO A 16 19.78 -11.07 -15.15
CA PRO A 16 19.52 -12.02 -14.07
C PRO A 16 19.48 -11.32 -12.71
N LEU A 17 18.60 -11.79 -11.83
CA LEU A 17 18.45 -11.17 -10.52
C LEU A 17 18.39 -12.23 -9.40
N THR A 18 19.17 -12.04 -8.34
CA THR A 18 19.09 -12.93 -7.18
C THR A 18 18.58 -12.21 -5.93
N LEU A 19 17.51 -12.75 -5.35
CA LEU A 19 16.97 -12.29 -4.08
C LEU A 19 17.41 -13.21 -2.95
N THR A 20 17.47 -12.67 -1.75
CA THR A 20 17.89 -13.47 -0.61
C THR A 20 16.88 -13.37 0.51
N CYS A 21 16.55 -14.53 1.06
CA CYS A 21 15.74 -14.64 2.26
C CYS A 21 16.68 -14.95 3.41
N THR A 22 16.81 -14.03 4.35
CA THR A 22 17.62 -14.25 5.54
C THR A 22 16.72 -14.57 6.71
N VAL A 23 16.94 -15.71 7.35
CA VAL A 23 16.05 -16.13 8.43
C VAL A 23 16.74 -16.04 9.78
N SER A 24 15.94 -16.00 10.84
CA SER A 24 16.48 -15.92 12.19
C SER A 24 15.56 -16.65 13.16
N GLY A 25 16.13 -17.45 14.05
CA GLY A 25 15.33 -18.06 15.10
C GLY A 25 14.59 -19.35 14.75
N PHE A 26 14.80 -19.88 13.54
CA PHE A 26 14.33 -21.23 13.21
C PHE A 26 15.29 -21.88 12.22
N SER A 27 15.25 -23.21 12.18
CA SER A 27 16.21 -23.99 11.42
C SER A 27 15.71 -24.37 10.03
N LEU A 28 16.54 -24.17 9.02
CA LEU A 28 16.22 -24.62 7.67
C LEU A 28 16.38 -26.13 7.52
N SER A 29 16.85 -26.81 8.57
CA SER A 29 16.89 -28.27 8.55
C SER A 29 15.55 -28.85 8.98
N THR A 30 14.68 -27.97 9.50
CA THR A 30 13.36 -28.37 10.00
C THR A 30 12.21 -27.80 9.15
N TYR A 31 12.39 -26.58 8.66
CA TYR A 31 11.35 -25.87 7.93
C TYR A 31 11.68 -25.65 6.46
N ASN A 32 10.63 -25.60 5.65
CA ASN A 32 10.74 -25.23 4.25
C ASN A 32 10.70 -23.72 4.08
N ILE A 33 11.01 -23.25 2.88
CA ILE A 33 10.85 -21.84 2.56
C ILE A 33 10.05 -21.66 1.28
N HIS A 34 8.96 -20.89 1.36
CA HIS A 34 8.12 -20.51 0.21
C HIS A 34 8.48 -19.13 -0.31
N TRP A 35 8.40 -18.96 -1.64
CA TRP A 35 8.48 -17.64 -2.26
C TRP A 35 7.13 -17.29 -2.90
N VAL A 36 6.70 -16.04 -2.68
CA VAL A 36 5.41 -15.54 -3.14
C VAL A 36 5.64 -14.13 -3.68
N ARG A 37 4.90 -13.69 -4.69
CA ARG A 37 5.05 -12.31 -5.14
C ARG A 37 3.70 -11.64 -5.34
N GLN A 38 3.75 -10.33 -5.55
CA GLN A 38 2.55 -9.51 -5.68
C GLN A 38 2.85 -8.29 -6.53
N ALA A 39 2.31 -8.25 -7.75
CA ALA A 39 2.51 -7.11 -8.63
C ALA A 39 1.74 -5.91 -8.06
N PRO A 40 2.16 -4.67 -8.41
CA PRO A 40 1.51 -3.48 -7.86
C PRO A 40 -0.01 -3.47 -8.08
N GLY A 41 -0.75 -3.31 -7.00
CA GLY A 41 -2.20 -3.29 -7.07
C GLY A 41 -2.85 -4.60 -7.44
N LYS A 42 -2.10 -5.71 -7.39
CA LYS A 42 -2.61 -7.02 -7.76
C LYS A 42 -2.60 -8.00 -6.58
N GLY A 43 -3.02 -9.22 -6.84
CA GLY A 43 -3.11 -10.21 -5.78
C GLY A 43 -1.84 -11.02 -5.57
N LEU A 44 -1.88 -11.90 -4.58
CA LEU A 44 -0.75 -12.76 -4.24
C LEU A 44 -0.61 -13.87 -5.27
N GLU A 45 0.63 -14.24 -5.56
CA GLU A 45 0.92 -15.27 -6.54
C GLU A 45 2.06 -16.17 -6.04
N TRP A 46 1.79 -17.47 -5.89
CA TRP A 46 2.82 -18.41 -5.42
C TRP A 46 3.87 -18.67 -6.48
N ILE A 47 5.14 -18.65 -6.09
CA ILE A 47 6.23 -18.96 -7.01
C ILE A 47 6.77 -20.39 -6.83
N GLY A 48 7.17 -20.73 -5.61
CA GLY A 48 7.74 -22.05 -5.41
C GLY A 48 8.16 -22.29 -3.97
N VAL A 49 8.77 -23.44 -3.72
CA VAL A 49 9.13 -23.84 -2.37
C VAL A 49 10.41 -24.66 -2.39
N ILE A 50 11.25 -24.53 -1.37
CA ILE A 50 12.39 -25.44 -1.24
C ILE A 50 12.23 -26.22 0.07
N ASP A 51 12.42 -27.55 0.05
CA ASP A 51 12.19 -28.29 1.29
C ASP A 51 13.48 -28.47 2.08
N THR A 52 13.43 -29.20 3.19
CA THR A 52 14.58 -29.24 4.08
C THR A 52 15.78 -29.90 3.39
N GLY A 53 15.51 -30.85 2.51
CA GLY A 53 16.57 -31.54 1.78
C GLY A 53 17.09 -30.75 0.58
N GLY A 54 16.50 -29.58 0.33
CA GLY A 54 16.92 -28.73 -0.77
C GLY A 54 16.18 -28.99 -2.07
N GLY A 55 15.23 -29.91 -2.05
CA GLY A 55 14.42 -30.18 -3.24
C GLY A 55 13.50 -29.00 -3.53
N THR A 56 13.32 -28.65 -4.81
CA THR A 56 12.50 -27.49 -5.15
C THR A 56 11.36 -27.84 -6.10
N TYR A 57 10.27 -27.07 -5.98
CA TYR A 57 9.04 -27.27 -6.75
C TYR A 57 8.46 -25.91 -7.08
N PHE A 58 7.88 -25.74 -8.26
CA PHE A 58 7.43 -24.41 -8.69
C PHE A 58 6.02 -24.40 -9.29
N ALA A 59 5.43 -23.22 -9.33
CA ALA A 59 4.17 -22.98 -10.04
C ALA A 59 4.33 -23.41 -11.49
N SER A 60 3.22 -23.83 -12.10
CA SER A 60 3.24 -24.32 -13.48
C SER A 60 3.77 -23.30 -14.47
N TRP A 61 3.63 -22.00 -14.17
CA TRP A 61 4.02 -20.96 -15.11
C TRP A 61 5.50 -20.60 -15.04
N ALA A 62 6.17 -21.00 -13.96
CA ALA A 62 7.58 -20.67 -13.75
C ALA A 62 8.44 -21.13 -14.92
N LYS A 63 8.25 -22.38 -15.31
CA LYS A 63 8.86 -22.92 -16.51
C LYS A 63 10.38 -22.85 -16.44
N GLY A 64 10.94 -23.18 -15.28
CA GLY A 64 12.39 -23.19 -15.15
C GLY A 64 13.07 -21.81 -15.10
N ARG A 65 12.30 -20.73 -15.16
CA ARG A 65 12.84 -19.37 -15.01
C ARG A 65 13.33 -19.05 -13.59
N PHE A 66 12.87 -19.81 -12.61
CA PHE A 66 13.23 -19.53 -11.22
C PHE A 66 14.00 -20.70 -10.60
N ALA A 67 14.94 -20.41 -9.71
CA ALA A 67 15.61 -21.45 -8.95
C ALA A 67 15.78 -21.06 -7.50
N ILE A 68 15.75 -22.04 -6.60
CA ILE A 68 15.93 -21.75 -5.18
C ILE A 68 17.10 -22.55 -4.62
N SER A 69 17.86 -21.95 -3.72
CA SER A 69 19.00 -22.62 -3.10
C SER A 69 19.20 -22.18 -1.67
N LYS A 70 19.54 -23.12 -0.80
CA LYS A 70 19.97 -22.75 0.55
C LYS A 70 21.48 -22.55 0.53
N THR A 71 21.90 -21.33 0.84
CA THR A 71 23.31 -20.95 0.69
C THR A 71 24.06 -20.92 2.01
N SER A 72 23.33 -20.98 3.11
CA SER A 72 23.91 -21.08 4.45
C SER A 72 22.80 -21.51 5.39
N SER A 73 23.13 -21.70 6.67
CA SER A 73 22.15 -22.12 7.65
C SER A 73 21.07 -21.06 7.87
N THR A 74 21.32 -19.84 7.43
CA THR A 74 20.33 -18.76 7.59
C THR A 74 19.88 -18.05 6.32
N THR A 75 20.36 -18.51 5.15
CA THR A 75 20.00 -17.80 3.91
C THR A 75 19.53 -18.73 2.77
N VAL A 76 18.55 -18.22 2.03
CA VAL A 76 17.95 -18.90 0.90
C VAL A 76 17.84 -17.92 -0.26
N ASP A 77 18.40 -18.28 -1.41
CA ASP A 77 18.36 -17.43 -2.59
C ASP A 77 17.26 -17.85 -3.58
N LEU A 78 16.64 -16.85 -4.19
CA LEU A 78 15.78 -17.05 -5.36
C LEU A 78 16.45 -16.44 -6.56
N LYS A 79 16.84 -17.27 -7.51
CA LYS A 79 17.49 -16.80 -8.73
C LYS A 79 16.51 -16.77 -9.88
N MET A 80 16.41 -15.61 -10.53
CA MET A 80 15.39 -15.34 -11.55
C MET A 80 16.01 -15.03 -12.91
N THR A 81 15.48 -15.63 -13.97
CA THR A 81 15.99 -15.35 -15.32
C THR A 81 14.85 -14.99 -16.27
N SER A 82 15.23 -14.49 -17.46
CA SER A 82 14.31 -14.02 -18.48
C SER A 82 13.26 -13.05 -17.94
N LEU A 83 13.71 -12.09 -17.13
CA LEU A 83 12.81 -11.13 -16.50
C LEU A 83 12.28 -10.09 -17.48
N THR A 84 11.00 -9.77 -17.34
CA THR A 84 10.38 -8.67 -18.09
C THR A 84 9.53 -7.84 -17.13
N ALA A 85 8.85 -6.81 -17.64
CA ALA A 85 8.01 -5.92 -16.83
C ALA A 85 6.91 -6.67 -16.08
N ALA A 86 6.55 -7.85 -16.57
CA ALA A 86 5.52 -8.65 -15.94
C ALA A 86 6.00 -9.17 -14.58
N ASP A 87 7.29 -9.12 -14.35
CA ASP A 87 7.89 -9.67 -13.14
C ASP A 87 8.14 -8.59 -12.09
N THR A 88 7.77 -7.35 -12.43
CA THR A 88 7.84 -6.27 -11.45
C THR A 88 6.84 -6.55 -10.34
N ALA A 89 7.32 -6.59 -9.10
CA ALA A 89 6.47 -7.03 -8.00
C ALA A 89 7.21 -6.91 -6.69
N THR A 90 6.48 -7.03 -5.59
CA THR A 90 7.12 -7.24 -4.30
C THR A 90 7.20 -8.74 -4.09
N TYR A 91 8.39 -9.21 -3.70
CA TYR A 91 8.65 -10.63 -3.47
C TYR A 91 8.77 -10.95 -1.97
N PHE A 92 8.02 -11.96 -1.53
CA PHE A 92 8.03 -12.38 -0.14
C PHE A 92 8.63 -13.78 0.03
N CYS A 93 9.35 -14.01 1.13
CA CYS A 93 9.62 -15.39 1.54
C CYS A 93 8.87 -15.70 2.83
N ALA A 94 8.59 -16.98 3.04
CA ALA A 94 7.76 -17.39 4.17
C ALA A 94 8.15 -18.77 4.65
N LYS A 95 8.08 -18.94 5.96
CA LYS A 95 8.47 -20.18 6.61
C LYS A 95 7.41 -21.25 6.37
N GLY A 96 7.79 -22.35 5.74
CA GLY A 96 6.82 -23.38 5.44
C GLY A 96 6.87 -24.54 6.43
N PHE A 97 5.76 -24.81 7.10
CA PHE A 97 5.66 -25.98 7.94
C PHE A 97 5.66 -27.24 7.08
N ASP A 98 4.99 -27.16 5.93
CA ASP A 98 5.01 -28.22 4.92
C ASP A 98 5.00 -27.63 3.50
N TYR A 99 4.53 -28.38 2.49
CA TYR A 99 4.52 -27.90 1.11
C TYR A 99 3.38 -26.92 0.84
N SER A 100 2.44 -26.83 1.78
CA SER A 100 1.34 -25.85 1.69
C SER A 100 1.87 -24.46 2.03
N ALA A 101 1.47 -23.46 1.24
CA ALA A 101 1.86 -22.07 1.52
C ALA A 101 0.94 -21.46 2.56
N SER A 102 0.69 -22.22 3.64
CA SER A 102 -0.15 -21.74 4.73
C SER A 102 0.71 -21.56 5.97
N THR A 103 0.98 -20.30 6.30
CA THR A 103 1.93 -20.02 7.37
C THR A 103 1.74 -18.63 7.93
N ASN A 104 2.11 -18.48 9.19
CA ASN A 104 1.99 -17.22 9.92
C ASN A 104 3.30 -16.46 10.03
N LEU A 105 4.31 -16.83 9.25
CA LEU A 105 5.59 -16.14 9.38
C LEU A 105 6.13 -15.77 8.00
N TRP A 106 6.06 -14.47 7.73
CA TRP A 106 6.42 -13.89 6.44
C TRP A 106 7.45 -12.78 6.58
N GLY A 107 8.30 -12.60 5.58
CA GLY A 107 9.10 -11.38 5.54
C GLY A 107 8.27 -10.17 5.13
N PRO A 108 8.85 -8.97 5.28
CA PRO A 108 8.18 -7.72 4.90
C PRO A 108 8.13 -7.50 3.39
N GLY A 109 8.95 -8.24 2.65
CA GLY A 109 9.00 -8.10 1.21
C GLY A 109 10.14 -7.23 0.69
N THR A 110 10.57 -7.53 -0.53
CA THR A 110 11.59 -6.73 -1.20
C THR A 110 11.04 -6.42 -2.57
N LEU A 111 11.25 -5.18 -3.03
CA LEU A 111 10.60 -4.74 -4.27
C LEU A 111 11.50 -4.85 -5.48
N VAL A 112 11.00 -5.54 -6.51
CA VAL A 112 11.72 -5.74 -7.77
C VAL A 112 11.10 -4.91 -8.89
N THR A 113 11.94 -4.22 -9.66
CA THR A 113 11.47 -3.44 -10.80
C THR A 113 12.20 -3.83 -12.06
N ILE A 114 11.46 -4.28 -13.07
CA ILE A 114 12.09 -4.57 -14.35
C ILE A 114 11.76 -3.45 -15.34
N SER A 115 12.77 -2.66 -15.67
CA SER A 115 12.59 -1.48 -16.48
C SER A 115 13.92 -0.98 -17.01
N SER A 116 13.92 -0.27 -18.13
CA SER A 116 15.15 0.32 -18.62
C SER A 116 15.28 1.79 -18.21
N ALA A 117 14.33 2.29 -17.42
CA ALA A 117 14.45 3.66 -16.89
C ALA A 117 15.55 3.71 -15.84
N SER A 118 16.11 4.92 -15.64
CA SER A 118 17.18 5.08 -14.68
C SER A 118 16.68 5.51 -13.29
N THR A 119 17.49 5.22 -12.27
CA THR A 119 17.19 5.65 -10.90
C THR A 119 17.21 7.17 -10.79
N LYS A 120 16.22 7.74 -10.09
CA LYS A 120 16.23 9.16 -9.74
C LYS A 120 15.70 9.40 -8.33
N GLY A 121 16.42 10.20 -7.55
CA GLY A 121 15.99 10.53 -6.19
C GLY A 121 15.00 11.69 -6.16
N PRO A 122 14.12 11.72 -5.14
CA PRO A 122 13.05 12.72 -5.10
C PRO A 122 13.49 14.04 -4.50
N SER A 123 12.75 15.10 -4.81
CA SER A 123 12.83 16.32 -4.01
C SER A 123 11.75 16.24 -2.94
N VAL A 124 11.96 16.91 -1.81
CA VAL A 124 10.94 16.89 -0.77
C VAL A 124 10.50 18.32 -0.46
N PHE A 125 9.23 18.62 -0.72
CA PHE A 125 8.70 19.97 -0.54
C PHE A 125 7.68 20.01 0.59
N PRO A 126 7.64 21.13 1.34
CA PRO A 126 6.60 21.29 2.38
C PRO A 126 5.18 21.48 1.85
N LEU A 127 4.22 20.85 2.50
CA LEU A 127 2.80 21.19 2.37
C LEU A 127 2.44 21.97 3.64
N ALA A 128 2.43 23.30 3.52
CA ALA A 128 2.31 24.16 4.70
C ALA A 128 1.10 25.09 4.61
N PRO A 129 0.34 25.24 5.70
CA PRO A 129 -0.76 26.21 5.72
C PRO A 129 -0.22 27.64 5.70
N SER A 130 -1.04 28.60 5.27
CA SER A 130 -0.61 30.00 5.27
C SER A 130 -0.51 30.56 6.68
N SER A 131 -1.29 29.99 7.59
CA SER A 131 -1.39 30.48 8.94
C SER A 131 -1.56 29.33 9.89
N LYS A 132 -1.23 29.55 11.15
CA LYS A 132 -1.55 28.60 12.22
C LYS A 132 -3.07 28.55 12.44
N SER A 133 -3.76 29.59 12.01
CA SER A 133 -5.18 29.72 12.33
C SER A 133 -6.10 29.49 11.14
N THR A 134 -5.53 29.12 10.01
CA THR A 134 -6.30 28.98 8.77
C THR A 134 -7.47 27.98 8.89
N SER A 135 -7.33 26.95 9.73
CA SER A 135 -8.39 25.93 9.85
C SER A 135 -8.81 25.61 11.29
N GLY A 136 -8.81 26.62 12.15
CA GLY A 136 -9.34 26.47 13.50
C GLY A 136 -8.36 25.73 14.38
N GLY A 137 -8.88 24.86 15.25
CA GLY A 137 -8.07 24.25 16.29
C GLY A 137 -7.18 23.11 15.82
N THR A 138 -7.35 22.70 14.57
CA THR A 138 -6.54 21.64 13.96
C THR A 138 -5.84 22.19 12.73
N ALA A 139 -4.60 21.76 12.49
CA ALA A 139 -3.91 22.14 11.28
C ALA A 139 -3.45 20.89 10.53
N ALA A 140 -3.40 20.96 9.19
CA ALA A 140 -2.78 19.89 8.40
C ALA A 140 -1.43 20.35 7.89
N LEU A 141 -0.45 19.45 8.03
CA LEU A 141 0.92 19.67 7.57
C LEU A 141 1.28 18.49 6.69
N GLY A 142 2.24 18.67 5.79
CA GLY A 142 2.59 17.56 4.93
C GLY A 142 3.90 17.70 4.19
N CYS A 143 4.28 16.61 3.54
CA CYS A 143 5.45 16.59 2.67
C CYS A 143 5.09 16.00 1.31
N LEU A 144 5.43 16.73 0.25
CA LEU A 144 5.31 16.24 -1.13
C LEU A 144 6.67 15.66 -1.57
N VAL A 145 6.70 14.35 -1.79
CA VAL A 145 7.92 13.64 -2.21
C VAL A 145 7.84 13.41 -3.72
N LYS A 146 8.50 14.27 -4.47
CA LYS A 146 8.23 14.40 -5.90
C LYS A 146 9.39 13.95 -6.79
N ASP A 147 9.04 13.20 -7.83
CA ASP A 147 9.90 12.88 -8.98
C ASP A 147 11.00 11.85 -8.68
N TYR A 148 10.58 10.65 -8.32
CA TYR A 148 11.54 9.59 -8.06
C TYR A 148 11.27 8.33 -8.88
N PHE A 149 12.28 7.48 -8.97
CA PHE A 149 12.17 6.19 -9.63
C PHE A 149 13.36 5.34 -9.21
N PRO A 150 13.15 4.05 -8.97
CA PRO A 150 11.89 3.29 -8.93
C PRO A 150 11.20 3.47 -7.59
N GLU A 151 10.13 2.72 -7.35
CA GLU A 151 9.60 2.57 -6.00
C GLU A 151 10.64 1.78 -5.20
N PRO A 152 10.58 1.81 -3.84
CA PRO A 152 9.63 2.51 -2.97
C PRO A 152 10.23 3.73 -2.27
N VAL A 153 9.39 4.61 -1.74
CA VAL A 153 9.84 5.59 -0.76
C VAL A 153 9.10 5.30 0.52
N THR A 154 9.75 5.55 1.64
CA THR A 154 9.06 5.45 2.92
C THR A 154 9.01 6.83 3.56
N VAL A 155 7.98 7.07 4.37
CA VAL A 155 7.87 8.32 5.10
C VAL A 155 7.40 8.03 6.50
N SER A 156 8.09 8.62 7.48
CA SER A 156 7.56 8.66 8.84
C SER A 156 7.59 10.10 9.34
N TRP A 157 6.98 10.32 10.50
CA TRP A 157 6.95 11.62 11.15
C TRP A 157 7.60 11.59 12.52
N ASN A 158 8.41 12.60 12.78
CA ASN A 158 9.14 12.73 14.04
C ASN A 158 9.88 11.46 14.45
N SER A 159 10.61 10.90 13.49
CA SER A 159 11.43 9.70 13.70
C SER A 159 10.61 8.56 14.26
N GLY A 160 9.38 8.41 13.77
CA GLY A 160 8.48 7.36 14.20
C GLY A 160 7.65 7.64 15.45
N ALA A 161 7.91 8.74 16.15
CA ALA A 161 7.19 9.05 17.40
C ALA A 161 5.74 9.47 17.15
N LEU A 162 5.47 9.97 15.96
CA LEU A 162 4.14 10.47 15.63
C LEU A 162 3.52 9.56 14.58
N THR A 163 2.44 8.87 14.95
CA THR A 163 1.73 7.99 14.01
C THR A 163 0.25 8.34 13.90
N SER A 164 -0.33 8.86 14.98
CA SER A 164 -1.75 9.19 14.97
C SER A 164 -2.03 10.40 14.07
N GLY A 165 -3.03 10.28 13.21
CA GLY A 165 -3.38 11.38 12.35
C GLY A 165 -2.54 11.45 11.09
N VAL A 166 -1.62 10.50 10.92
CA VAL A 166 -0.78 10.43 9.74
C VAL A 166 -1.48 9.70 8.59
N HIS A 167 -1.47 10.30 7.41
CA HIS A 167 -1.91 9.62 6.20
C HIS A 167 -0.81 9.71 5.16
N THR A 168 -0.23 8.57 4.82
CA THR A 168 0.76 8.53 3.76
C THR A 168 0.12 7.90 2.54
N PHE A 169 0.01 8.66 1.46
CA PHE A 169 -0.74 8.23 0.29
C PHE A 169 0.03 7.26 -0.60
N PRO A 170 -0.71 6.42 -1.36
CA PRO A 170 -0.06 5.60 -2.38
C PRO A 170 0.66 6.50 -3.37
N ALA A 171 1.77 6.03 -3.92
CA ALA A 171 2.49 6.76 -4.95
C ALA A 171 1.62 6.87 -6.19
N VAL A 172 1.77 7.97 -6.93
CA VAL A 172 1.13 8.07 -8.23
C VAL A 172 2.23 8.18 -9.28
N LEU A 173 2.03 7.49 -10.39
CA LEU A 173 2.97 7.61 -11.49
C LEU A 173 2.56 8.78 -12.35
N GLN A 174 3.46 9.73 -12.50
CA GLN A 174 3.17 10.93 -13.28
C GLN A 174 3.43 10.64 -14.75
N SER A 175 2.88 11.49 -15.61
CA SER A 175 3.04 11.29 -17.04
C SER A 175 4.50 11.44 -17.48
N SER A 176 5.32 12.00 -16.60
CA SER A 176 6.76 12.12 -16.85
C SER A 176 7.47 10.76 -16.71
N GLY A 177 6.78 9.80 -16.13
CA GLY A 177 7.37 8.50 -15.84
C GLY A 177 8.03 8.41 -14.47
N LEU A 178 7.94 9.47 -13.69
CA LEU A 178 8.47 9.48 -12.32
C LEU A 178 7.33 9.41 -11.31
N TYR A 179 7.60 8.84 -10.15
CA TYR A 179 6.58 8.79 -9.12
C TYR A 179 6.55 10.05 -8.27
N SER A 180 5.41 10.25 -7.62
CA SER A 180 5.27 11.27 -6.62
C SER A 180 4.41 10.72 -5.49
N LEU A 181 4.71 11.12 -4.26
CA LEU A 181 3.95 10.65 -3.11
C LEU A 181 3.80 11.78 -2.11
N SER A 182 2.61 11.89 -1.49
CA SER A 182 2.39 12.85 -0.42
C SER A 182 2.12 12.17 0.92
N SER A 183 2.58 12.80 2.00
CA SER A 183 2.28 12.31 3.34
C SER A 183 1.81 13.51 4.16
N VAL A 184 0.71 13.35 4.90
CA VAL A 184 0.16 14.45 5.69
C VAL A 184 -0.14 14.01 7.13
N VAL A 185 -0.26 14.98 8.03
CA VAL A 185 -0.62 14.71 9.42
C VAL A 185 -1.44 15.88 9.96
N THR A 186 -2.45 15.60 10.76
CA THR A 186 -3.19 16.68 11.39
C THR A 186 -2.73 16.83 12.83
N VAL A 187 -2.55 18.09 13.23
CA VAL A 187 -1.94 18.43 14.52
C VAL A 187 -2.69 19.58 15.19
N PRO A 188 -2.49 19.78 16.51
CA PRO A 188 -3.12 20.93 17.19
C PRO A 188 -2.57 22.25 16.70
N SER A 189 -3.46 23.20 16.39
CA SER A 189 -3.05 24.54 15.96
C SER A 189 -2.32 25.31 17.05
N SER A 190 -2.76 25.12 18.29
CA SER A 190 -2.42 26.03 19.39
C SER A 190 -0.94 26.03 19.77
N SER A 191 -0.19 25.07 19.25
CA SER A 191 1.22 24.98 19.62
C SER A 191 2.15 24.95 18.41
N LEU A 192 1.64 25.36 17.25
CA LEU A 192 2.42 25.30 16.02
C LEU A 192 3.65 26.21 16.08
N GLY A 193 3.63 27.17 16.99
CA GLY A 193 4.75 28.09 17.14
C GLY A 193 5.98 27.45 17.75
N THR A 194 5.79 26.35 18.50
CA THR A 194 6.90 25.74 19.24
C THR A 194 7.08 24.23 18.98
N GLN A 195 6.03 23.51 18.62
CA GLN A 195 6.16 22.06 18.34
C GLN A 195 6.74 21.82 16.95
N THR A 196 7.72 20.92 16.86
CA THR A 196 8.33 20.60 15.56
C THR A 196 7.68 19.36 14.94
N TYR A 197 7.40 19.45 13.64
CA TYR A 197 6.89 18.31 12.88
C TYR A 197 7.78 18.07 11.68
N ILE A 198 8.42 16.90 11.65
CA ILE A 198 9.41 16.57 10.63
C ILE A 198 8.97 15.32 9.90
N CYS A 199 8.97 15.35 8.57
CA CYS A 199 8.74 14.12 7.83
C CYS A 199 10.08 13.52 7.51
N ASN A 200 10.28 12.25 7.85
CA ASN A 200 11.50 11.53 7.53
C ASN A 200 11.33 10.72 6.27
N VAL A 201 11.95 11.18 5.19
CA VAL A 201 11.79 10.58 3.87
C VAL A 201 13.03 9.74 3.50
N ASN A 202 12.80 8.55 2.96
CA ASN A 202 13.90 7.72 2.48
C ASN A 202 13.59 7.12 1.10
N HIS A 203 14.50 7.34 0.15
CA HIS A 203 14.44 6.64 -1.14
C HIS A 203 15.74 5.86 -1.27
N LYS A 204 15.77 4.66 -0.69
CA LYS A 204 16.99 3.85 -0.67
C LYS A 204 17.64 3.60 -2.03
N PRO A 205 16.84 3.40 -3.10
CA PRO A 205 17.52 3.17 -4.38
C PRO A 205 18.45 4.30 -4.84
N SER A 206 18.23 5.53 -4.39
CA SER A 206 19.09 6.66 -4.79
C SER A 206 19.95 7.15 -3.63
N ASN A 207 19.94 6.42 -2.52
CA ASN A 207 20.56 6.84 -1.26
C ASN A 207 20.13 8.24 -0.86
N THR A 208 18.85 8.56 -1.07
CA THR A 208 18.29 9.83 -0.66
C THR A 208 17.64 9.74 0.72
N LYS A 209 18.14 10.54 1.66
CA LYS A 209 17.57 10.59 3.01
C LYS A 209 17.37 12.05 3.38
N VAL A 210 16.12 12.44 3.58
CA VAL A 210 15.76 13.83 3.84
C VAL A 210 14.79 13.95 5.04
N ASP A 211 15.11 14.85 5.95
CA ASP A 211 14.20 15.26 7.02
C ASP A 211 13.72 16.66 6.73
N ARG A 212 12.41 16.83 6.61
CA ARG A 212 11.88 18.15 6.33
C ARG A 212 10.97 18.62 7.45
N ARG A 213 11.34 19.73 8.10
CA ARG A 213 10.47 20.34 9.09
C ARG A 213 9.40 21.17 8.36
N VAL A 214 8.13 20.96 8.72
CA VAL A 214 7.04 21.68 8.08
C VAL A 214 6.29 22.54 9.09
N GLU A 215 6.05 23.80 8.76
CA GLU A 215 5.30 24.70 9.62
C GLU A 215 4.60 25.74 8.75
N PRO A 216 3.59 26.44 9.30
CA PRO A 216 2.90 27.50 8.54
C PRO A 216 3.89 28.52 7.99
N LYS A 217 3.60 29.05 6.81
CA LYS A 217 4.46 30.06 6.21
C LYS A 217 4.21 31.42 6.85
N SER A 218 5.29 32.17 7.10
CA SER A 218 5.18 33.49 7.70
C SER A 218 4.76 34.52 6.65
N CYS A 219 4.13 35.60 7.09
CA CYS A 219 3.63 36.63 6.18
C CYS A 219 4.60 37.81 6.09
N GLU B 1 -3.48 -24.50 -14.97
CA GLU B 1 -4.67 -25.16 -15.49
C GLU B 1 -5.85 -25.01 -14.51
N LEU B 2 -5.62 -25.39 -13.26
CA LEU B 2 -6.70 -25.37 -12.26
C LEU B 2 -7.01 -23.94 -11.83
N ASP B 3 -8.28 -23.67 -11.56
CA ASP B 3 -8.73 -22.34 -11.17
C ASP B 3 -9.17 -22.29 -9.72
N MET B 4 -8.85 -21.20 -9.04
CA MET B 4 -9.42 -20.93 -7.73
C MET B 4 -10.22 -19.66 -7.86
N THR B 5 -11.54 -19.74 -7.72
CA THR B 5 -12.38 -18.57 -7.92
C THR B 5 -12.97 -18.06 -6.62
N GLN B 6 -12.58 -16.86 -6.25
CA GLN B 6 -12.99 -16.23 -4.99
C GLN B 6 -14.07 -15.19 -5.26
N THR B 7 -15.18 -15.29 -4.53
CA THR B 7 -16.28 -14.33 -4.64
C THR B 7 -16.83 -13.94 -3.27
N PRO B 8 -17.38 -12.72 -3.14
CA PRO B 8 -17.39 -11.63 -4.11
C PRO B 8 -16.03 -10.94 -4.15
N SER B 9 -15.77 -10.12 -5.16
CA SER B 9 -14.51 -9.38 -5.15
C SER B 9 -14.56 -8.26 -4.12
N SER B 10 -15.76 -7.78 -3.82
CA SER B 10 -15.93 -6.69 -2.87
C SER B 10 -17.23 -6.86 -2.07
N VAL B 11 -17.19 -6.44 -0.81
CA VAL B 11 -18.39 -6.45 0.00
C VAL B 11 -18.30 -5.34 1.07
N SER B 12 -19.43 -4.74 1.41
CA SER B 12 -19.51 -3.66 2.40
C SER B 12 -20.47 -4.09 3.51
N ALA B 13 -20.08 -3.94 4.77
CA ALA B 13 -20.95 -4.31 5.88
C ALA B 13 -20.66 -3.49 7.13
N PRO B 14 -21.68 -3.28 7.98
CA PRO B 14 -21.51 -2.42 9.16
C PRO B 14 -20.78 -3.09 10.32
N VAL B 15 -20.20 -2.29 11.21
CA VAL B 15 -19.66 -2.79 12.47
C VAL B 15 -20.73 -3.61 13.17
N GLY B 16 -20.37 -4.79 13.65
CA GLY B 16 -21.34 -5.66 14.31
C GLY B 16 -21.99 -6.63 13.34
N GLY B 17 -21.81 -6.38 12.04
CA GLY B 17 -22.41 -7.22 11.03
C GLY B 17 -21.54 -8.42 10.70
N SER B 18 -21.84 -9.05 9.57
CA SER B 18 -21.14 -10.27 9.15
C SER B 18 -20.98 -10.32 7.64
N VAL B 19 -19.90 -10.95 7.17
CA VAL B 19 -19.69 -11.15 5.74
C VAL B 19 -19.28 -12.59 5.47
N THR B 20 -19.65 -13.09 4.30
CA THR B 20 -19.23 -14.42 3.88
C THR B 20 -18.42 -14.29 2.59
N ILE B 21 -17.25 -14.91 2.61
CA ILE B 21 -16.36 -14.92 1.45
C ILE B 21 -16.20 -16.36 0.97
N ASN B 22 -16.39 -16.58 -0.33
CA ASN B 22 -16.39 -17.94 -0.87
C ASN B 22 -15.20 -18.23 -1.80
N CYS B 23 -14.67 -19.45 -1.73
CA CYS B 23 -13.67 -19.90 -2.69
C CYS B 23 -14.08 -21.23 -3.30
N GLN B 24 -14.03 -21.29 -4.63
CA GLN B 24 -14.36 -22.50 -5.34
C GLN B 24 -13.19 -22.94 -6.19
N SER B 25 -12.73 -24.16 -5.95
CA SER B 25 -11.63 -24.76 -6.69
C SER B 25 -12.16 -25.61 -7.84
N SER B 26 -11.49 -25.57 -9.00
CA SER B 26 -11.90 -26.46 -10.11
C SER B 26 -11.55 -27.92 -9.83
N GLN B 27 -10.64 -28.13 -8.89
CA GLN B 27 -10.21 -29.48 -8.50
C GLN B 27 -10.13 -29.54 -6.98
N SER B 28 -10.46 -30.68 -6.38
CA SER B 28 -10.36 -30.80 -4.91
C SER B 28 -8.96 -30.47 -4.41
N VAL B 29 -8.90 -29.73 -3.30
CA VAL B 29 -7.63 -29.43 -2.67
C VAL B 29 -7.09 -30.69 -2.04
N TYR B 30 -5.79 -30.67 -1.74
CA TYR B 30 -5.12 -31.79 -1.11
C TYR B 30 -5.81 -32.21 0.18
N GLY B 31 -6.08 -33.52 0.30
CA GLY B 31 -6.70 -34.07 1.48
C GLY B 31 -8.10 -33.56 1.76
N ASN B 32 -8.69 -32.93 0.74
CA ASN B 32 -10.01 -32.29 0.81
C ASN B 32 -10.11 -31.07 1.73
N ASN B 33 -9.08 -30.78 2.51
CA ASN B 33 -9.17 -29.69 3.47
C ASN B 33 -7.97 -28.73 3.52
N TYR B 34 -6.99 -28.89 2.63
CA TYR B 34 -5.83 -28.00 2.65
C TYR B 34 -6.15 -26.67 1.97
N LEU B 35 -6.84 -25.82 2.71
CA LEU B 35 -7.28 -24.50 2.24
C LEU B 35 -7.09 -23.52 3.38
N ALA B 36 -6.39 -22.43 3.11
CA ALA B 36 -6.05 -21.44 4.13
C ALA B 36 -6.64 -20.07 3.78
N TRP B 37 -6.82 -19.22 4.79
CA TRP B 37 -7.30 -17.85 4.54
C TRP B 37 -6.33 -16.84 5.14
N TYR B 38 -6.08 -15.78 4.37
CA TYR B 38 -5.20 -14.68 4.74
C TYR B 38 -5.90 -13.33 4.79
N GLN B 39 -5.42 -12.44 5.64
CA GLN B 39 -5.81 -11.02 5.66
C GLN B 39 -4.61 -10.18 5.25
N GLN B 40 -4.81 -9.17 4.39
CA GLN B 40 -3.70 -8.29 4.02
C GLN B 40 -4.10 -6.81 3.96
N LYS B 41 -3.26 -5.97 4.56
CA LYS B 41 -3.43 -4.52 4.51
C LYS B 41 -2.24 -3.90 3.77
N ALA B 42 -2.39 -2.64 3.34
CA ALA B 42 -1.41 -1.96 2.50
C ALA B 42 0.01 -2.05 3.06
N GLY B 43 0.97 -2.42 2.21
CA GLY B 43 2.38 -2.39 2.57
C GLY B 43 2.83 -3.50 3.51
N GLN B 44 1.94 -4.45 3.79
CA GLN B 44 2.27 -5.51 4.74
C GLN B 44 2.18 -6.89 4.09
N PRO B 45 2.90 -7.88 4.64
CA PRO B 45 2.63 -9.25 4.17
C PRO B 45 1.27 -9.74 4.69
N PRO B 46 0.71 -10.77 4.06
CA PRO B 46 -0.54 -11.33 4.55
C PRO B 46 -0.40 -11.96 5.92
N LYS B 47 -1.50 -11.96 6.68
CA LYS B 47 -1.55 -12.58 7.99
C LYS B 47 -2.46 -13.79 7.94
N LEU B 48 -1.97 -14.92 8.41
CA LEU B 48 -2.75 -16.15 8.41
C LEU B 48 -3.95 -16.07 9.37
N LEU B 49 -5.13 -16.44 8.90
CA LEU B 49 -6.34 -16.47 9.74
C LEU B 49 -6.78 -17.90 9.99
N ILE B 50 -6.79 -18.66 8.91
CA ILE B 50 -7.34 -20.02 8.93
C ILE B 50 -6.41 -20.95 8.17
N TYR B 51 -6.23 -22.18 8.65
CA TYR B 51 -5.60 -23.21 7.82
C TYR B 51 -6.31 -24.56 7.96
N ARG B 52 -6.09 -25.46 7.01
CA ARG B 52 -6.81 -26.75 6.99
C ARG B 52 -8.31 -26.49 7.05
N ALA B 53 -8.77 -25.52 6.25
CA ALA B 53 -10.17 -25.19 6.05
C ALA B 53 -10.87 -24.55 7.27
N SER B 54 -10.55 -24.98 8.49
CA SER B 54 -11.33 -24.53 9.64
C SER B 54 -10.56 -24.31 10.93
N THR B 55 -9.24 -24.51 10.90
CA THR B 55 -8.42 -24.34 12.11
C THR B 55 -8.02 -22.88 12.27
N LEU B 56 -8.33 -22.30 13.42
CA LEU B 56 -8.00 -20.89 13.65
C LEU B 56 -6.51 -20.70 13.94
N ALA B 57 -5.85 -19.84 13.17
CA ALA B 57 -4.46 -19.54 13.40
C ALA B 57 -4.26 -18.89 14.77
N SER B 58 -3.20 -19.29 15.46
CA SER B 58 -2.88 -18.71 16.76
C SER B 58 -2.86 -17.18 16.72
N GLY B 59 -3.69 -16.54 17.54
CA GLY B 59 -3.67 -15.09 17.60
C GLY B 59 -4.65 -14.37 16.68
N ALA B 60 -5.30 -15.11 15.79
CA ALA B 60 -6.46 -14.54 15.08
C ALA B 60 -7.64 -14.65 16.03
N PRO B 61 -8.54 -13.65 15.98
CA PRO B 61 -9.72 -13.59 16.86
C PRO B 61 -10.77 -14.63 16.50
N SER B 62 -11.62 -14.98 17.46
CA SER B 62 -12.66 -15.99 17.27
C SER B 62 -13.70 -15.68 16.20
N ARG B 63 -13.81 -14.42 15.82
CA ARG B 63 -14.88 -14.02 14.89
C ARG B 63 -14.58 -14.40 13.43
N PHE B 64 -13.39 -14.94 13.18
CA PHE B 64 -13.06 -15.55 11.89
C PHE B 64 -13.30 -17.04 11.92
N LYS B 65 -14.21 -17.53 11.10
CA LYS B 65 -14.52 -18.96 11.05
C LYS B 65 -14.43 -19.50 9.63
N GLY B 66 -13.70 -20.60 9.47
CA GLY B 66 -13.56 -21.22 8.17
C GLY B 66 -14.37 -22.49 8.12
N SER B 67 -14.98 -22.78 6.97
CA SER B 67 -15.62 -24.08 6.77
C SER B 67 -15.53 -24.54 5.32
N GLY B 68 -15.68 -25.84 5.12
CA GLY B 68 -15.82 -26.37 3.78
C GLY B 68 -15.03 -27.64 3.60
N SER B 69 -15.09 -28.18 2.39
CA SER B 69 -14.43 -29.44 2.08
C SER B 69 -14.38 -29.62 0.57
N GLY B 70 -13.37 -30.33 0.08
CA GLY B 70 -13.31 -30.65 -1.34
C GLY B 70 -12.94 -29.47 -2.21
N THR B 71 -13.94 -28.85 -2.81
CA THR B 71 -13.72 -27.71 -3.70
C THR B 71 -14.43 -26.43 -3.24
N GLN B 72 -15.24 -26.51 -2.19
CA GLN B 72 -16.03 -25.35 -1.80
C GLN B 72 -15.72 -24.90 -0.36
N PHE B 73 -15.22 -23.67 -0.22
CA PHE B 73 -14.83 -23.17 1.10
C PHE B 73 -15.36 -21.78 1.40
N THR B 74 -15.61 -21.52 2.68
CA THR B 74 -16.13 -20.23 3.14
C THR B 74 -15.35 -19.67 4.31
N LEU B 75 -15.08 -18.38 4.28
CA LEU B 75 -14.63 -17.63 5.44
C LEU B 75 -15.79 -16.73 5.87
N THR B 76 -16.19 -16.84 7.13
CA THR B 76 -17.27 -16.01 7.67
C THR B 76 -16.67 -15.11 8.76
N ILE B 77 -16.80 -13.81 8.56
CA ILE B 77 -16.34 -12.84 9.56
C ILE B 77 -17.58 -12.25 10.21
N SER B 78 -17.76 -12.52 11.49
CA SER B 78 -18.92 -12.03 12.22
C SER B 78 -18.44 -10.96 13.20
N ASP B 79 -19.39 -10.28 13.84
CA ASP B 79 -19.08 -9.23 14.80
C ASP B 79 -18.02 -8.27 14.26
N LEU B 80 -18.25 -7.79 13.05
CA LEU B 80 -17.25 -6.97 12.34
C LEU B 80 -16.79 -5.77 13.15
N GLU B 81 -15.49 -5.52 13.10
CA GLU B 81 -14.88 -4.34 13.71
C GLU B 81 -14.19 -3.52 12.64
N SER B 82 -13.85 -2.28 12.98
CA SER B 82 -13.17 -1.41 12.04
C SER B 82 -11.86 -2.04 11.56
N ASP B 83 -11.19 -2.77 12.46
CA ASP B 83 -9.90 -3.42 12.14
C ASP B 83 -9.99 -4.46 11.03
N ASP B 84 -11.20 -4.88 10.70
CA ASP B 84 -11.39 -5.96 9.72
C ASP B 84 -11.42 -5.45 8.29
N ALA B 85 -11.37 -4.13 8.12
CA ALA B 85 -11.23 -3.55 6.78
C ALA B 85 -9.88 -3.98 6.21
N ALA B 86 -9.92 -4.74 5.13
CA ALA B 86 -8.71 -5.40 4.58
C ALA B 86 -9.07 -6.18 3.33
N THR B 87 -8.04 -6.70 2.66
CA THR B 87 -8.24 -7.61 1.53
C THR B 87 -7.99 -9.04 2.01
N TYR B 88 -8.86 -9.96 1.62
CA TYR B 88 -8.78 -11.33 2.10
C TYR B 88 -8.51 -12.30 0.94
N TYR B 89 -7.67 -13.32 1.19
CA TYR B 89 -7.32 -14.30 0.16
C TYR B 89 -7.46 -15.72 0.66
N CYS B 90 -7.99 -16.60 -0.16
CA CYS B 90 -7.84 -18.03 0.13
C CYS B 90 -6.59 -18.57 -0.59
N LEU B 91 -6.11 -19.70 -0.10
CA LEU B 91 -4.88 -20.31 -0.61
C LEU B 91 -5.08 -21.83 -0.55
N GLY B 92 -5.12 -22.45 -1.71
CA GLY B 92 -5.31 -23.90 -1.76
C GLY B 92 -4.01 -24.63 -2.07
N TYR B 93 -3.81 -25.76 -1.41
CA TYR B 93 -2.69 -26.63 -1.73
C TYR B 93 -3.21 -27.88 -2.45
N TYR B 94 -2.47 -28.34 -3.45
CA TYR B 94 -2.95 -29.38 -4.34
C TYR B 94 -1.95 -30.49 -4.55
N ASN B 95 -2.47 -31.69 -4.85
CA ASN B 95 -1.62 -32.78 -5.32
C ASN B 95 -0.70 -32.28 -6.42
N GLY B 96 0.56 -32.71 -6.39
CA GLY B 96 1.51 -32.26 -7.38
C GLY B 96 2.37 -31.10 -6.89
N VAL B 97 2.25 -30.78 -5.60
CA VAL B 97 3.00 -29.68 -4.96
C VAL B 97 2.72 -28.38 -5.70
N ILE B 98 1.47 -27.95 -5.62
CA ILE B 98 0.99 -26.72 -6.24
C ILE B 98 0.21 -25.91 -5.21
N ASN B 99 0.49 -24.62 -5.11
CA ASN B 99 -0.31 -23.71 -4.30
C ASN B 99 -0.93 -22.67 -5.22
N VAL B 100 -2.19 -22.32 -4.96
CA VAL B 100 -2.90 -21.32 -5.75
C VAL B 100 -3.66 -20.35 -4.85
N PHE B 101 -3.43 -19.05 -5.02
CA PHE B 101 -4.22 -18.06 -4.31
C PHE B 101 -5.49 -17.72 -5.06
N GLY B 102 -6.58 -17.51 -4.31
CA GLY B 102 -7.77 -16.87 -4.88
C GLY B 102 -7.46 -15.43 -5.26
N GLY B 103 -8.32 -14.82 -6.08
CA GLY B 103 -8.09 -13.48 -6.59
C GLY B 103 -8.25 -12.37 -5.57
N GLY B 104 -8.79 -12.68 -4.40
CA GLY B 104 -8.92 -11.67 -3.36
C GLY B 104 -10.30 -11.04 -3.22
N THR B 105 -10.58 -10.55 -2.02
CA THR B 105 -11.85 -9.91 -1.71
C THR B 105 -11.59 -8.70 -0.83
N ASN B 106 -12.09 -7.53 -1.22
CA ASN B 106 -11.94 -6.36 -0.36
C ASN B 106 -13.17 -6.19 0.52
N VAL B 107 -12.93 -6.14 1.82
CA VAL B 107 -13.99 -5.94 2.77
C VAL B 107 -13.98 -4.50 3.26
N GLU B 108 -15.07 -3.79 3.03
CA GLU B 108 -15.29 -2.44 3.53
C GLU B 108 -16.22 -2.42 4.74
N ILE B 109 -15.89 -1.60 5.73
CA ILE B 109 -16.75 -1.36 6.87
C ILE B 109 -17.72 -0.23 6.52
N LYS B 110 -19.00 -0.54 6.44
CA LYS B 110 -19.99 0.51 6.18
C LYS B 110 -20.29 1.30 7.46
N ARG B 111 -20.05 2.61 7.41
CA ARG B 111 -20.29 3.47 8.57
C ARG B 111 -21.17 4.65 8.16
N THR B 112 -21.55 5.48 9.11
CA THR B 112 -22.35 6.67 8.82
C THR B 112 -21.58 7.61 7.90
N VAL B 113 -22.31 8.39 7.11
CA VAL B 113 -21.67 9.37 6.25
C VAL B 113 -20.90 10.38 7.11
N GLY B 114 -19.69 10.72 6.71
CA GLY B 114 -18.93 11.77 7.38
C GLY B 114 -18.29 12.68 6.36
N ALA B 115 -18.47 13.99 6.53
CA ALA B 115 -17.90 14.98 5.63
C ALA B 115 -16.37 15.05 5.73
N PRO B 116 -15.70 15.38 4.62
CA PRO B 116 -14.26 15.59 4.67
C PRO B 116 -13.87 16.90 5.34
N SER B 117 -12.72 16.92 6.01
CA SER B 117 -12.09 18.18 6.40
C SER B 117 -11.11 18.52 5.29
N VAL B 118 -11.26 19.70 4.71
CA VAL B 118 -10.51 20.06 3.50
C VAL B 118 -9.39 21.03 3.88
N PHE B 119 -8.22 20.86 3.25
CA PHE B 119 -7.10 21.76 3.45
C PHE B 119 -6.46 22.04 2.10
N ILE B 120 -5.93 23.24 1.90
CA ILE B 120 -5.28 23.54 0.63
C ILE B 120 -3.83 24.02 0.89
N PHE B 121 -2.93 23.67 -0.02
CA PHE B 121 -1.51 23.97 0.16
C PHE B 121 -0.93 24.61 -1.09
N PRO B 122 -0.43 25.84 -0.97
CA PRO B 122 0.24 26.45 -2.13
C PRO B 122 1.58 25.77 -2.43
N PRO B 123 2.11 25.97 -3.65
CA PRO B 123 3.45 25.46 -3.93
C PRO B 123 4.50 26.18 -3.08
N SER B 124 5.56 25.46 -2.74
CA SER B 124 6.65 26.00 -1.94
C SER B 124 7.59 26.86 -2.80
N ASP B 125 8.25 27.83 -2.17
CA ASP B 125 9.21 28.65 -2.90
C ASP B 125 10.37 27.78 -3.39
N GLU B 126 10.73 26.76 -2.61
CA GLU B 126 11.75 25.81 -3.02
C GLU B 126 11.40 25.16 -4.36
N GLN B 127 10.17 24.71 -4.51
CA GLN B 127 9.80 24.04 -5.77
C GLN B 127 9.78 25.03 -6.95
N LEU B 128 9.31 26.24 -6.70
CA LEU B 128 9.18 27.24 -7.75
C LEU B 128 10.52 27.55 -8.42
N LYS B 129 11.62 27.34 -7.70
CA LYS B 129 12.95 27.55 -8.28
C LYS B 129 13.31 26.57 -9.39
N SER B 130 12.56 25.49 -9.52
CA SER B 130 12.88 24.52 -10.57
C SER B 130 11.81 24.43 -11.67
N GLY B 131 10.87 25.36 -11.70
CA GLY B 131 10.04 25.54 -12.88
C GLY B 131 8.66 24.88 -12.88
N THR B 132 8.31 24.21 -11.79
CA THR B 132 7.00 23.60 -11.69
C THR B 132 6.34 24.03 -10.39
N ALA B 133 5.02 24.10 -10.41
CA ALA B 133 4.25 24.45 -9.22
C ALA B 133 3.25 23.33 -8.92
N SER B 134 3.40 22.68 -7.78
CA SER B 134 2.39 21.72 -7.32
C SER B 134 1.46 22.35 -6.29
N VAL B 135 0.15 22.34 -6.54
CA VAL B 135 -0.84 22.80 -5.57
C VAL B 135 -1.58 21.59 -5.06
N VAL B 136 -1.72 21.45 -3.74
CA VAL B 136 -2.34 20.24 -3.20
C VAL B 136 -3.63 20.52 -2.42
N CYS B 137 -4.64 19.70 -2.64
CA CYS B 137 -5.86 19.74 -1.85
C CYS B 137 -6.03 18.41 -1.11
N LEU B 138 -6.13 18.49 0.21
CA LEU B 138 -6.33 17.32 1.06
C LEU B 138 -7.77 17.26 1.55
N LEU B 139 -8.38 16.08 1.38
CA LEU B 139 -9.70 15.77 1.90
C LEU B 139 -9.49 14.72 2.98
N ASN B 140 -9.68 15.11 4.25
CA ASN B 140 -9.30 14.21 5.34
C ASN B 140 -10.48 13.52 6.04
N ASN B 141 -10.36 12.20 6.23
CA ASN B 141 -11.26 11.42 7.09
C ASN B 141 -12.75 11.54 6.74
N PHE B 142 -13.12 11.04 5.57
CA PHE B 142 -14.51 11.10 5.11
C PHE B 142 -15.05 9.70 4.78
N TYR B 143 -16.37 9.60 4.67
CA TYR B 143 -17.03 8.36 4.24
C TYR B 143 -18.35 8.75 3.60
N PRO B 144 -18.72 8.13 2.46
CA PRO B 144 -18.05 7.03 1.75
C PRO B 144 -16.88 7.50 0.86
N ARG B 145 -16.28 6.55 0.15
CA ARG B 145 -15.02 6.80 -0.58
C ARG B 145 -15.16 7.83 -1.69
N GLU B 146 -16.32 7.87 -2.34
CA GLU B 146 -16.51 8.75 -3.48
C GLU B 146 -16.46 10.22 -3.09
N ALA B 147 -15.64 10.98 -3.80
CA ALA B 147 -15.53 12.41 -3.60
C ALA B 147 -15.06 13.03 -4.90
N LYS B 148 -15.42 14.29 -5.12
CA LYS B 148 -15.04 15.00 -6.32
C LYS B 148 -14.29 16.29 -5.96
N VAL B 149 -13.16 16.48 -6.61
CA VAL B 149 -12.35 17.70 -6.46
C VAL B 149 -12.37 18.45 -7.78
N GLN B 150 -12.74 19.72 -7.73
CA GLN B 150 -12.61 20.62 -8.88
C GLN B 150 -11.68 21.76 -8.51
N TRP B 151 -10.61 21.90 -9.29
CA TRP B 151 -9.71 23.03 -9.14
C TRP B 151 -10.18 24.21 -9.98
N LYS B 152 -10.01 25.41 -9.44
CA LYS B 152 -10.24 26.63 -10.18
C LYS B 152 -9.05 27.54 -10.03
N VAL B 153 -8.67 28.17 -11.15
CA VAL B 153 -7.56 29.11 -11.22
C VAL B 153 -8.11 30.39 -11.85
N ASP B 154 -8.19 31.47 -11.08
CA ASP B 154 -8.90 32.69 -11.51
C ASP B 154 -10.25 32.34 -12.13
N ASN B 155 -10.93 31.40 -11.48
CA ASN B 155 -12.29 30.95 -11.81
C ASN B 155 -12.42 30.16 -13.09
N ALA B 156 -11.30 29.76 -13.67
CA ALA B 156 -11.33 28.80 -14.78
C ALA B 156 -11.27 27.38 -14.20
N LEU B 157 -12.21 26.52 -14.60
CA LEU B 157 -12.21 25.14 -14.14
C LEU B 157 -11.07 24.38 -14.78
N GLN B 158 -10.27 23.69 -13.96
CA GLN B 158 -9.12 22.93 -14.46
C GLN B 158 -9.52 21.53 -14.87
N SER B 159 -8.92 21.06 -15.96
CA SER B 159 -9.15 19.71 -16.43
C SER B 159 -7.86 19.11 -16.99
N GLY B 160 -7.55 17.88 -16.59
CA GLY B 160 -6.42 17.17 -17.19
C GLY B 160 -5.05 17.39 -16.56
N ASN B 161 -4.97 18.31 -15.60
CA ASN B 161 -3.70 18.58 -14.93
C ASN B 161 -3.74 18.28 -13.43
N SER B 162 -4.59 17.34 -13.03
CA SER B 162 -4.62 16.91 -11.63
C SER B 162 -4.61 15.40 -11.53
N GLN B 163 -3.99 14.88 -10.46
CA GLN B 163 -3.98 13.46 -10.14
C GLN B 163 -4.38 13.27 -8.69
N GLU B 164 -5.12 12.19 -8.40
CA GLU B 164 -5.57 11.90 -7.03
C GLU B 164 -5.01 10.60 -6.49
N SER B 165 -4.88 10.52 -5.17
CA SER B 165 -4.51 9.30 -4.50
C SER B 165 -5.39 9.11 -3.26
N VAL B 166 -5.74 7.87 -2.92
CA VAL B 166 -6.67 7.61 -1.81
C VAL B 166 -6.08 6.56 -0.89
N THR B 167 -6.19 6.76 0.43
CA THR B 167 -5.65 5.80 1.39
C THR B 167 -6.60 4.61 1.52
N GLU B 168 -6.08 3.49 2.03
CA GLU B 168 -6.96 2.36 2.37
C GLU B 168 -7.87 2.79 3.51
N GLN B 169 -8.98 2.09 3.69
CA GLN B 169 -9.92 2.47 4.74
C GLN B 169 -9.24 2.39 6.11
N ASP B 170 -9.40 3.44 6.91
CA ASP B 170 -8.77 3.54 8.23
C ASP B 170 -9.23 2.42 9.17
N SER B 171 -8.29 1.76 9.84
CA SER B 171 -8.66 0.60 10.65
C SER B 171 -9.30 0.99 11.97
N LYS B 172 -9.30 2.28 12.30
CA LYS B 172 -9.91 2.73 13.56
C LYS B 172 -11.22 3.49 13.39
N ASP B 173 -11.30 4.43 12.44
CA ASP B 173 -12.53 5.21 12.27
C ASP B 173 -13.26 4.93 10.95
N SER B 174 -12.74 3.98 10.17
CA SER B 174 -13.36 3.49 8.94
C SER B 174 -13.54 4.59 7.88
N THR B 175 -12.71 5.61 7.91
CA THR B 175 -12.78 6.69 6.93
C THR B 175 -11.72 6.54 5.84
N TYR B 176 -11.84 7.37 4.81
CA TYR B 176 -10.84 7.47 3.74
C TYR B 176 -10.27 8.87 3.79
N SER B 177 -9.09 9.05 3.20
CA SER B 177 -8.57 10.38 2.91
C SER B 177 -8.06 10.39 1.47
N LEU B 178 -8.05 11.59 0.88
CA LEU B 178 -7.73 11.73 -0.52
C LEU B 178 -6.86 12.96 -0.70
N SER B 179 -5.86 12.87 -1.56
CA SER B 179 -5.11 14.07 -1.92
C SER B 179 -5.23 14.31 -3.41
N SER B 180 -5.39 15.57 -3.79
CA SER B 180 -5.41 15.92 -5.18
C SER B 180 -4.28 16.89 -5.45
N THR B 181 -3.49 16.59 -6.47
CA THR B 181 -2.35 17.43 -6.81
C THR B 181 -2.57 18.08 -8.16
N LEU B 182 -2.60 19.40 -8.17
CA LEU B 182 -2.70 20.17 -9.41
C LEU B 182 -1.28 20.56 -9.81
N THR B 183 -0.87 20.17 -11.01
CA THR B 183 0.47 20.50 -11.48
C THR B 183 0.42 21.57 -12.55
N LEU B 184 1.11 22.68 -12.31
CA LEU B 184 1.23 23.78 -13.26
C LEU B 184 2.68 24.05 -13.55
N SER B 185 2.97 24.65 -14.71
CA SER B 185 4.31 25.19 -14.91
C SER B 185 4.44 26.41 -14.00
N LYS B 186 5.66 26.75 -13.59
CA LYS B 186 5.88 27.95 -12.80
C LYS B 186 5.35 29.17 -13.54
N ALA B 187 5.52 29.17 -14.87
CA ALA B 187 5.09 30.30 -15.70
C ALA B 187 3.58 30.48 -15.61
N ASP B 188 2.85 29.37 -15.76
CA ASP B 188 1.39 29.40 -15.62
C ASP B 188 0.97 29.84 -14.21
N TYR B 189 1.62 29.29 -13.19
CA TYR B 189 1.27 29.62 -11.81
C TYR B 189 1.40 31.13 -11.58
N GLU B 190 2.49 31.71 -12.05
CA GLU B 190 2.73 33.12 -11.78
C GLU B 190 1.88 34.07 -12.64
N LYS B 191 1.14 33.54 -13.60
CA LYS B 191 0.25 34.38 -14.42
C LYS B 191 -1.16 34.49 -13.83
N HIS B 192 -1.42 33.78 -12.73
CA HIS B 192 -2.75 33.80 -12.14
C HIS B 192 -2.69 34.06 -10.64
N LYS B 193 -3.82 34.46 -10.07
CA LYS B 193 -3.87 34.97 -8.70
C LYS B 193 -4.64 34.07 -7.74
N VAL B 194 -5.88 33.77 -8.10
CA VAL B 194 -6.77 33.05 -7.19
C VAL B 194 -6.81 31.54 -7.45
N TYR B 195 -6.42 30.77 -6.44
CA TYR B 195 -6.37 29.31 -6.52
C TYR B 195 -7.39 28.69 -5.56
N ALA B 196 -8.32 27.89 -6.10
CA ALA B 196 -9.36 27.34 -5.26
C ALA B 196 -9.55 25.84 -5.48
N CYS B 197 -9.82 25.16 -4.38
CA CYS B 197 -10.20 23.75 -4.36
C CYS B 197 -11.66 23.63 -3.96
N GLU B 198 -12.50 23.04 -4.81
CA GLU B 198 -13.91 22.86 -4.48
C GLU B 198 -14.23 21.38 -4.37
N VAL B 199 -14.85 21.00 -3.25
CA VAL B 199 -15.01 19.58 -2.91
C VAL B 199 -16.48 19.19 -2.80
N THR B 200 -16.87 18.16 -3.56
CA THR B 200 -18.22 17.62 -3.53
C THR B 200 -18.22 16.27 -2.84
N HIS B 201 -19.10 16.10 -1.86
CA HIS B 201 -19.15 14.86 -1.09
C HIS B 201 -20.50 14.70 -0.43
N GLN B 202 -20.94 13.47 -0.23
CA GLN B 202 -22.27 13.23 0.37
C GLN B 202 -22.45 13.81 1.76
N GLY B 203 -21.37 13.94 2.52
CA GLY B 203 -21.47 14.56 3.83
C GLY B 203 -21.65 16.08 3.82
N LEU B 204 -21.56 16.67 2.63
CA LEU B 204 -21.69 18.12 2.43
C LEU B 204 -22.96 18.46 1.68
N SER B 205 -23.78 19.37 2.20
CA SER B 205 -25.03 19.71 1.53
C SER B 205 -24.82 20.50 0.24
N SER B 206 -23.65 21.12 0.12
CA SER B 206 -23.25 21.72 -1.15
C SER B 206 -21.72 21.73 -1.19
N PRO B 207 -21.13 21.96 -2.38
CA PRO B 207 -19.67 21.84 -2.37
C PRO B 207 -18.98 22.93 -1.56
N VAL B 208 -17.95 22.54 -0.82
CA VAL B 208 -17.18 23.45 0.03
C VAL B 208 -15.94 23.92 -0.72
N THR B 209 -15.54 25.17 -0.47
CA THR B 209 -14.40 25.75 -1.17
C THR B 209 -13.31 26.22 -0.20
N LYS B 210 -12.06 25.94 -0.57
CA LYS B 210 -10.93 26.58 0.08
C LYS B 210 -10.10 27.25 -0.99
N SER B 211 -9.64 28.46 -0.71
CA SER B 211 -8.85 29.19 -1.70
C SER B 211 -7.70 29.96 -1.06
N PHE B 212 -6.71 30.32 -1.89
CA PHE B 212 -5.66 31.26 -1.48
C PHE B 212 -5.28 32.11 -2.69
N ASN B 213 -4.68 33.26 -2.42
CA ASN B 213 -4.12 34.11 -3.47
C ASN B 213 -2.61 33.95 -3.52
N ARG B 214 -2.07 33.70 -4.71
CA ARG B 214 -0.61 33.57 -4.83
C ARG B 214 0.11 34.80 -4.26
N GLY B 215 1.00 34.57 -3.31
CA GLY B 215 1.80 35.62 -2.70
C GLY B 215 1.03 36.55 -1.76
N GLU B 216 0.12 36.00 -0.95
CA GLU B 216 -0.67 36.83 -0.05
C GLU B 216 -0.92 36.20 1.33
N CYS B 217 -0.16 35.16 1.67
CA CYS B 217 -0.25 34.51 2.98
C CYS B 217 -1.68 34.08 3.33
#